data_8OHB
#
_entry.id   8OHB
#
_cell.length_a   118.880
_cell.length_b   38.950
_cell.length_c   68.320
_cell.angle_alpha   90.000
_cell.angle_beta   95.410
_cell.angle_gamma   90.000
#
_symmetry.space_group_name_H-M   'C 1 2 1'
#
loop_
_entity.id
_entity.type
_entity.pdbx_description
1 polymer 'Cyclic di-AMP synthase CdaA'
2 non-polymer 5-(2-methoxyethyl)-1,3,4-oxadiazol-2-amine
3 non-polymer 'MAGNESIUM ION'
4 water water
#
_entity_poly.entity_id   1
_entity_poly.type   'polypeptide(L)'
_entity_poly.pdbx_seq_one_letter_code
;GPTPVEEAQQKTIEAITKAINYMAKRRIGALLTIERDTGMGDYIETGIPLNAKVSSELLINIFIPNTPLHDGAVIMKNNE
IAAAACYLPLSESPFISKELGTRHRAAVGISEVTDSLTIIVSEETGGVSVAKNGDLHRELTEEALKEMLEAEFK
;
_entity_poly.pdbx_strand_id   A,B
#
loop_
_chem_comp.id
_chem_comp.type
_chem_comp.name
_chem_comp.formula
MG non-polymer 'MAGNESIUM ION' 'Mg 2'
UHL non-polymer 5-(2-methoxyethyl)-1,3,4-oxadiazol-2-amine 'C5 H9 N3 O2'
#
# COMPACT_ATOMS: atom_id res chain seq x y z
N PRO A 2 10.65 11.57 -25.98
CA PRO A 2 11.23 10.81 -24.85
C PRO A 2 11.42 9.32 -25.11
N THR A 3 12.41 8.73 -24.46
CA THR A 3 12.61 7.29 -24.52
C THR A 3 11.76 6.61 -23.46
N PRO A 4 11.65 5.27 -23.51
CA PRO A 4 10.91 4.58 -22.45
C PRO A 4 11.42 4.86 -21.05
N VAL A 5 12.74 4.83 -20.86
CA VAL A 5 13.31 5.09 -19.53
C VAL A 5 12.97 6.51 -19.07
N GLU A 6 13.04 7.47 -19.98
CA GLU A 6 12.71 8.86 -19.64
C GLU A 6 11.25 9.02 -19.26
N GLU A 7 10.36 8.40 -20.04
CA GLU A 7 8.94 8.49 -19.72
C GLU A 7 8.66 7.86 -18.37
N ALA A 8 9.35 6.75 -18.06
CA ALA A 8 9.12 6.10 -16.79
C ALA A 8 9.58 6.99 -15.64
N GLN A 9 10.72 7.66 -15.78
CA GLN A 9 11.22 8.55 -14.73
C GLN A 9 10.27 9.70 -14.51
N GLN A 10 9.73 10.25 -15.58
CA GLN A 10 8.81 11.37 -15.43
C GLN A 10 7.52 10.93 -14.76
N LYS A 11 7.03 9.75 -15.10
CA LYS A 11 5.81 9.27 -14.51
C LYS A 11 6.01 9.09 -13.01
N THR A 12 7.19 8.61 -12.60
CA THR A 12 7.48 8.42 -11.18
C THR A 12 7.55 9.76 -10.44
N ILE A 13 8.21 10.74 -11.05
CA ILE A 13 8.27 12.07 -10.46
C ILE A 13 6.86 12.63 -10.29
N GLU A 14 6.01 12.47 -11.29
CA GLU A 14 4.65 12.98 -11.19
C GLU A 14 3.88 12.30 -10.07
N ALA A 15 4.08 11.00 -9.92
CA ALA A 15 3.38 10.27 -8.85
C ALA A 15 3.83 10.77 -7.50
N ILE A 16 5.14 10.94 -7.32
CA ILE A 16 5.69 11.41 -6.07
C ILE A 16 5.14 12.81 -5.77
N THR A 17 5.21 13.70 -6.74
CA THR A 17 4.81 15.06 -6.41
C THR A 17 3.32 15.13 -6.07
N LYS A 18 2.49 14.34 -6.77
CA LYS A 18 1.05 14.33 -6.46
C LYS A 18 0.82 13.85 -5.03
N ALA A 19 1.51 12.79 -4.64
CA ALA A 19 1.32 12.29 -3.29
C ALA A 19 1.78 13.30 -2.26
N ILE A 20 2.97 13.88 -2.47
CA ILE A 20 3.50 14.87 -1.55
C ILE A 20 2.56 16.06 -1.41
N ASN A 21 1.96 16.52 -2.52
CA ASN A 21 1.04 17.67 -2.45
C ASN A 21 -0.18 17.33 -1.60
N TYR A 22 -0.71 16.12 -1.76
CA TYR A 22 -1.87 15.68 -0.99
C TYR A 22 -1.52 15.64 0.48
N MET A 23 -0.37 15.08 0.81
CA MET A 23 0.03 14.99 2.21
C MET A 23 0.33 16.36 2.80
N ALA A 24 0.97 17.24 2.06
CA ALA A 24 1.24 18.59 2.54
C ALA A 24 -0.06 19.30 2.91
N LYS A 25 -1.07 19.17 2.05
CA LYS A 25 -2.34 19.87 2.28
C LYS A 25 -3.02 19.40 3.56
N ARG A 26 -2.90 18.11 3.85
CA ARG A 26 -3.52 17.48 5.01
C ARG A 26 -2.60 17.36 6.21
N ARG A 27 -1.38 17.86 6.11
CA ARG A 27 -0.39 17.80 7.18
C ARG A 27 -0.24 16.38 7.70
N ILE A 28 -0.06 15.46 6.74
CA ILE A 28 0.26 14.05 6.98
C ILE A 28 1.78 13.93 6.93
N GLY A 29 2.39 13.52 8.03
CA GLY A 29 3.82 13.32 8.07
C GLY A 29 4.22 12.21 7.13
N ALA A 30 5.34 12.41 6.43
CA ALA A 30 5.79 11.41 5.50
C ALA A 30 7.30 11.50 5.38
N LEU A 31 7.89 10.38 4.99
CA LEU A 31 9.34 10.22 4.87
C LEU A 31 9.57 9.29 3.69
N LEU A 32 10.19 9.77 2.62
CA LEU A 32 10.32 9.03 1.36
C LEU A 32 11.75 9.21 0.88
N THR A 33 12.53 8.15 0.87
CA THR A 33 13.93 8.15 0.47
C THR A 33 14.08 7.45 -0.86
N ILE A 34 14.79 8.10 -1.76
CA ILE A 34 15.05 7.56 -3.10
C ILE A 34 16.51 7.14 -3.14
N GLU A 35 16.73 5.82 -3.22
CA GLU A 35 18.09 5.30 -3.31
C GLU A 35 18.72 5.74 -4.62
N ARG A 36 20.01 6.10 -4.54
CA ARG A 36 20.77 6.50 -5.72
C ARG A 36 21.94 5.55 -5.87
N ASP A 37 23.19 6.04 -5.94
CA ASP A 37 24.31 5.13 -6.21
C ASP A 37 24.75 4.35 -4.99
N THR A 38 24.55 4.91 -3.81
CA THR A 38 24.88 4.19 -2.58
C THR A 38 23.76 3.21 -2.26
N GLY A 39 24.09 1.92 -2.16
CA GLY A 39 23.07 0.93 -1.90
C GLY A 39 22.52 1.04 -0.51
N MET A 40 21.21 0.90 -0.41
CA MET A 40 20.53 1.01 0.86
C MET A 40 19.85 -0.28 1.31
N GLY A 41 20.32 -1.41 0.82
CA GLY A 41 19.68 -2.66 1.13
C GLY A 41 19.59 -2.93 2.62
N ASP A 42 20.59 -2.55 3.39
CA ASP A 42 20.50 -2.80 4.83
C ASP A 42 19.36 -2.02 5.48
N TYR A 43 18.98 -0.87 4.93
CA TYR A 43 17.84 -0.13 5.47
C TYR A 43 16.52 -0.67 4.92
N ILE A 44 16.52 -1.02 3.64
CA ILE A 44 15.35 -1.63 3.02
C ILE A 44 14.90 -2.86 3.82
N GLU A 45 15.87 -3.64 4.29
CA GLU A 45 15.59 -4.88 4.98
C GLU A 45 14.93 -4.69 6.32
N THR A 46 14.97 -3.47 6.88
CA THR A 46 14.34 -3.22 8.15
C THR A 46 12.84 -2.97 8.04
N GLY A 47 12.31 -2.73 6.84
CA GLY A 47 10.91 -2.45 6.64
C GLY A 47 10.09 -3.62 6.16
N ILE A 48 8.87 -3.30 5.81
CA ILE A 48 7.94 -4.27 5.25
C ILE A 48 8.17 -4.34 3.75
N PRO A 49 8.53 -5.48 3.19
CA PRO A 49 8.76 -5.57 1.75
C PRO A 49 7.51 -5.29 0.93
N LEU A 50 7.63 -4.47 -0.10
CA LEU A 50 6.60 -4.18 -1.08
C LEU A 50 7.00 -4.54 -2.49
N ASN A 51 8.16 -4.08 -2.95
CA ASN A 51 8.54 -4.21 -4.34
C ASN A 51 7.41 -3.89 -5.28
N ALA A 52 6.80 -2.73 -5.06
CA ALA A 52 5.57 -2.38 -5.71
C ALA A 52 5.77 -1.31 -6.79
N LYS A 53 4.91 -1.30 -7.77
CA LYS A 53 4.83 -0.20 -8.74
C LYS A 53 4.51 1.09 -7.99
N VAL A 54 5.16 2.17 -8.41
CA VAL A 54 4.85 3.48 -7.83
C VAL A 54 3.50 3.94 -8.33
N SER A 55 2.72 4.53 -7.43
CA SER A 55 1.56 5.30 -7.83
C SER A 55 1.37 6.35 -6.73
N SER A 56 0.77 7.48 -7.05
CA SER A 56 0.42 8.44 -5.99
C SER A 56 -0.55 7.83 -5.01
N GLU A 57 -1.47 7.00 -5.51
CA GLU A 57 -2.44 6.33 -4.66
C GLU A 57 -1.77 5.45 -3.63
N LEU A 58 -0.84 4.59 -4.04
CA LEU A 58 -0.19 3.72 -3.08
C LEU A 58 0.62 4.54 -2.07
N LEU A 59 1.36 5.55 -2.53
CA LEU A 59 2.12 6.38 -1.60
C LEU A 59 1.19 6.97 -0.54
N ILE A 60 0.06 7.51 -0.95
CA ILE A 60 -0.89 8.07 0.03
C ILE A 60 -1.40 6.99 0.99
N ASN A 61 -1.79 5.84 0.44
CA ASN A 61 -2.31 4.76 1.29
C ASN A 61 -1.25 4.20 2.23
N ILE A 62 0.03 4.35 1.94
CA ILE A 62 1.05 3.94 2.87
C ILE A 62 1.11 4.90 4.06
N PHE A 63 1.10 6.21 3.80
CA PHE A 63 1.36 7.21 4.83
C PHE A 63 0.13 7.65 5.65
N ILE A 64 -0.88 6.83 5.75
CA ILE A 64 -2.08 7.25 6.48
C ILE A 64 -1.79 7.20 7.96
N PRO A 65 -2.08 8.25 8.70
CA PRO A 65 -1.63 8.29 10.08
C PRO A 65 -2.18 7.14 10.90
N ASN A 66 -1.40 6.62 11.84
N ASN A 66 -1.35 6.77 11.89
CA ASN A 66 -1.90 5.54 12.71
CA ASN A 66 -1.58 5.90 13.03
C ASN A 66 -2.30 4.24 11.96
C ASN A 66 -1.61 4.44 12.59
N THR A 67 -1.67 3.93 10.84
N THR A 67 -0.58 4.06 11.82
CA THR A 67 -1.90 2.68 10.11
CA THR A 67 -0.51 2.77 11.16
C THR A 67 -0.64 1.84 10.21
C THR A 67 0.91 2.26 11.04
N PRO A 68 -0.65 0.59 9.72
N PRO A 68 1.10 0.95 11.15
CA PRO A 68 0.57 -0.20 9.88
CA PRO A 68 2.45 0.40 11.01
C PRO A 68 1.82 0.40 9.24
C PRO A 68 3.14 0.82 9.72
N LEU A 69 1.74 0.96 8.04
N LEU A 69 2.41 0.84 8.60
CA LEU A 69 2.92 1.25 7.24
CA LEU A 69 3.05 1.21 7.35
C LEU A 69 3.47 2.65 7.37
C LEU A 69 3.46 2.67 7.31
N HIS A 70 2.83 3.51 8.11
CA HIS A 70 3.23 4.90 8.10
C HIS A 70 4.35 5.20 9.06
N ASP A 71 4.77 4.25 9.88
CA ASP A 71 5.79 4.51 10.91
C ASP A 71 7.20 4.19 10.41
N GLY A 72 7.82 5.12 9.77
CA GLY A 72 9.13 4.92 9.18
C GLY A 72 9.14 5.39 7.74
N ALA A 73 10.22 5.08 7.04
CA ALA A 73 10.45 5.61 5.70
C ALA A 73 10.00 4.62 4.64
N VAL A 74 9.46 5.15 3.58
CA VAL A 74 9.41 4.44 2.33
C VAL A 74 10.74 4.58 1.65
N ILE A 75 11.27 3.51 1.10
CA ILE A 75 12.50 3.56 0.30
C ILE A 75 12.18 3.10 -1.10
N MET A 76 12.48 3.92 -2.08
CA MET A 76 12.31 3.63 -3.48
C MET A 76 13.64 3.24 -4.09
N LYS A 77 13.61 2.29 -5.01
CA LYS A 77 14.79 1.72 -5.64
C LYS A 77 14.37 1.23 -7.00
N ASN A 78 15.13 1.53 -8.04
CA ASN A 78 14.85 1.05 -9.40
C ASN A 78 13.40 1.30 -9.83
N ASN A 79 12.87 2.50 -9.53
CA ASN A 79 11.55 2.93 -9.99
C ASN A 79 10.40 2.14 -9.34
N GLU A 80 10.63 1.60 -8.16
CA GLU A 80 9.65 0.83 -7.42
C GLU A 80 9.74 1.22 -5.97
N ILE A 81 8.65 1.01 -5.26
CA ILE A 81 8.63 1.14 -3.81
C ILE A 81 9.20 -0.16 -3.23
N ALA A 82 10.42 -0.17 -2.74
CA ALA A 82 11.05 -1.38 -2.27
C ALA A 82 10.42 -1.82 -0.97
N ALA A 83 10.26 -0.92 -0.01
CA ALA A 83 9.74 -1.27 1.30
C ALA A 83 9.18 -0.02 1.97
N ALA A 84 8.36 -0.22 2.97
CA ALA A 84 7.81 0.84 3.79
C ALA A 84 8.11 0.57 5.25
N ALA A 85 7.93 1.59 6.07
CA ALA A 85 8.19 1.48 7.50
C ALA A 85 9.61 1.08 7.81
N CYS A 86 10.55 1.64 7.03
CA CYS A 86 11.94 1.36 7.23
C CYS A 86 12.58 2.29 8.25
N TYR A 87 13.58 1.77 8.91
CA TYR A 87 14.46 2.52 9.80
C TYR A 87 15.45 3.34 8.99
N LEU A 88 15.64 4.59 9.41
CA LEU A 88 16.72 5.46 8.94
C LEU A 88 17.46 5.97 10.16
N PRO A 89 18.77 6.20 10.05
CA PRO A 89 19.55 6.63 11.21
C PRO A 89 19.29 8.10 11.53
N LEU A 90 19.15 8.40 12.81
CA LEU A 90 18.91 9.79 13.22
C LEU A 90 20.20 10.61 13.18
N SER A 91 20.16 11.75 12.51
CA SER A 91 21.29 12.67 12.54
C SER A 91 21.50 13.23 13.93
N GLU A 92 22.78 13.47 14.23
CA GLU A 92 23.19 14.20 15.42
C GLU A 92 23.66 15.59 15.05
N SER A 93 23.38 16.05 13.86
CA SER A 93 23.81 17.37 13.42
C SER A 93 23.21 18.43 14.33
N PRO A 94 23.99 19.39 14.83
CA PRO A 94 23.45 20.47 15.63
C PRO A 94 22.88 21.60 14.79
N PHE A 95 22.81 21.45 13.46
CA PHE A 95 22.48 22.54 12.56
C PHE A 95 21.16 22.33 11.87
N ILE A 96 20.34 21.43 12.40
CA ILE A 96 18.97 21.24 11.98
C ILE A 96 18.11 22.16 12.83
N SER A 97 17.15 22.80 12.19
CA SER A 97 16.22 23.70 12.87
C SER A 97 15.70 23.01 14.12
N LYS A 98 15.78 23.70 15.27
CA LYS A 98 15.48 23.05 16.55
C LYS A 98 14.02 22.71 16.71
N GLU A 99 13.13 23.29 15.90
CA GLU A 99 11.74 22.90 16.05
C GLU A 99 11.38 21.59 15.37
N LEU A 100 12.29 21.00 14.61
CA LEU A 100 12.00 19.78 13.85
C LEU A 100 12.30 18.56 14.69
N GLY A 101 11.53 17.51 14.44
CA GLY A 101 11.69 16.28 15.19
C GLY A 101 12.30 15.12 14.42
N THR A 102 11.88 13.92 14.79
CA THR A 102 12.57 12.71 14.36
C THR A 102 12.48 12.42 12.86
N ARG A 103 11.34 12.69 12.17
CA ARG A 103 11.31 12.38 10.74
C ARG A 103 12.39 13.17 10.03
N HIS A 104 12.53 14.45 10.36
CA HIS A 104 13.52 15.27 9.66
C HIS A 104 14.92 14.85 10.06
N ARG A 105 15.16 14.50 11.31
CA ARG A 105 16.47 14.02 11.75
C ARG A 105 16.83 12.73 11.05
N ALA A 106 15.84 11.83 10.85
CA ALA A 106 16.06 10.57 10.13
C ALA A 106 16.44 10.84 8.69
N ALA A 107 15.72 11.76 8.04
CA ALA A 107 16.06 12.09 6.65
C ALA A 107 17.49 12.64 6.56
N VAL A 108 17.81 13.61 7.41
CA VAL A 108 19.17 14.15 7.37
C VAL A 108 20.18 13.05 7.66
N GLY A 109 19.88 12.18 8.59
CA GLY A 109 20.77 11.10 8.95
C GLY A 109 21.11 10.18 7.80
N ILE A 110 20.10 9.71 7.06
CA ILE A 110 20.42 8.86 5.92
C ILE A 110 21.19 9.65 4.87
N SER A 111 20.93 10.95 4.73
CA SER A 111 21.60 11.76 3.73
C SER A 111 23.04 12.01 4.06
N GLU A 112 23.46 11.78 5.32
CA GLU A 112 24.84 11.96 5.73
C GLU A 112 25.73 10.79 5.31
N VAL A 113 25.14 9.61 5.04
CA VAL A 113 25.88 8.39 4.79
C VAL A 113 25.52 7.76 3.46
N THR A 114 24.75 8.44 2.63
CA THR A 114 24.35 7.98 1.33
C THR A 114 24.21 9.20 0.43
N ASP A 115 24.19 8.95 -0.88
CA ASP A 115 23.85 9.98 -1.87
C ASP A 115 22.36 10.00 -2.17
N SER A 116 21.53 9.47 -1.30
CA SER A 116 20.10 9.43 -1.55
C SER A 116 19.46 10.80 -1.43
N LEU A 117 18.23 10.91 -1.92
CA LEU A 117 17.42 12.10 -1.76
C LEU A 117 16.20 11.72 -0.94
N THR A 118 15.94 12.40 0.14
CA THR A 118 14.79 12.10 0.98
C THR A 118 13.86 13.29 1.00
N ILE A 119 12.58 13.04 0.88
CA ILE A 119 11.52 14.01 0.97
C ILE A 119 10.83 13.83 2.30
N ILE A 120 10.52 14.94 2.97
CA ILE A 120 9.83 14.94 4.24
C ILE A 120 8.64 15.85 4.16
N VAL A 121 7.49 15.38 4.67
CA VAL A 121 6.37 16.26 4.90
C VAL A 121 6.19 16.37 6.41
N SER A 122 6.11 17.62 6.91
CA SER A 122 5.88 17.84 8.31
C SER A 122 4.42 17.62 8.73
N GLU A 123 4.26 16.84 9.79
CA GLU A 123 2.91 16.70 10.36
C GLU A 123 2.48 17.95 11.11
N GLU A 124 3.42 18.80 11.50
CA GLU A 124 3.06 20.04 12.19
C GLU A 124 2.54 21.10 11.24
N THR A 125 3.18 21.26 10.10
CA THR A 125 2.92 22.38 9.22
C THR A 125 2.49 22.00 7.83
N GLY A 126 2.70 20.77 7.43
CA GLY A 126 2.59 20.40 6.02
C GLY A 126 3.73 20.91 5.16
N GLY A 127 4.74 21.53 5.74
CA GLY A 127 5.88 21.97 4.95
C GLY A 127 6.61 20.78 4.36
N VAL A 128 7.16 20.99 3.17
CA VAL A 128 7.90 19.97 2.44
C VAL A 128 9.37 20.32 2.43
N SER A 129 10.21 19.35 2.72
CA SER A 129 11.64 19.57 2.75
C SER A 129 12.33 18.39 2.08
N VAL A 130 13.58 18.56 1.73
CA VAL A 130 14.41 17.52 1.11
C VAL A 130 15.72 17.48 1.84
N ALA A 131 16.21 16.27 2.15
CA ALA A 131 17.52 16.04 2.72
C ALA A 131 18.43 15.41 1.69
N LYS A 132 19.60 15.98 1.53
CA LYS A 132 20.64 15.50 0.63
C LYS A 132 21.98 15.96 1.18
N ASN A 133 22.96 15.08 1.19
CA ASN A 133 24.34 15.45 1.52
C ASN A 133 24.50 16.01 2.92
N GLY A 134 23.58 15.70 3.82
CA GLY A 134 23.65 16.21 5.18
C GLY A 134 22.94 17.51 5.46
N ASP A 135 22.33 18.10 4.45
CA ASP A 135 21.59 19.33 4.58
C ASP A 135 20.12 19.13 4.30
N LEU A 136 19.32 19.93 4.98
CA LEU A 136 17.89 19.94 4.85
C LEU A 136 17.46 21.23 4.16
N HIS A 137 16.75 21.11 3.09
CA HIS A 137 16.23 22.20 2.30
C HIS A 137 14.77 22.36 2.62
N ARG A 138 14.40 23.43 3.30
CA ARG A 138 13.09 23.53 3.90
C ARG A 138 12.13 24.35 3.08
N GLU A 139 10.84 24.18 3.39
CA GLU A 139 9.77 25.07 2.96
C GLU A 139 9.77 25.19 1.44
N LEU A 140 9.76 24.04 0.78
CA LEU A 140 9.84 23.98 -0.64
C LEU A 140 8.49 24.20 -1.26
N THR A 141 8.48 24.94 -2.36
CA THR A 141 7.33 25.01 -3.23
C THR A 141 7.27 23.74 -4.07
N GLU A 142 6.13 23.55 -4.72
CA GLU A 142 5.97 22.44 -5.64
C GLU A 142 7.01 22.49 -6.76
N GLU A 143 7.26 23.68 -7.32
CA GLU A 143 8.22 23.79 -8.39
C GLU A 143 9.62 23.43 -7.91
N ALA A 144 9.96 23.82 -6.68
CA ALA A 144 11.27 23.57 -6.10
C ALA A 144 11.50 22.06 -5.92
N LEU A 145 10.50 21.35 -5.41
CA LEU A 145 10.65 19.91 -5.23
C LEU A 145 10.81 19.24 -6.59
N LYS A 146 10.00 19.65 -7.57
CA LYS A 146 10.11 19.03 -8.89
C LYS A 146 11.49 19.24 -9.48
N GLU A 147 12.03 20.46 -9.32
CA GLU A 147 13.37 20.75 -9.82
C GLU A 147 14.41 19.85 -9.17
N MET A 148 14.26 19.60 -7.88
CA MET A 148 15.20 18.75 -7.18
C MET A 148 15.09 17.32 -7.68
N LEU A 149 13.87 16.82 -7.89
CA LEU A 149 13.71 15.46 -8.41
C LEU A 149 14.28 15.34 -9.81
N GLU A 150 14.05 16.35 -10.65
CA GLU A 150 14.57 16.27 -12.02
C GLU A 150 16.09 16.39 -12.04
N ALA A 151 16.65 17.17 -11.14
CA ALA A 151 18.11 17.31 -11.10
C ALA A 151 18.72 16.02 -10.62
N GLU A 152 18.03 15.36 -9.70
CA GLU A 152 18.54 14.14 -9.15
C GLU A 152 18.55 13.05 -10.21
N PRO B 2 7.77 -29.32 3.70
CA PRO B 2 7.05 -28.38 2.82
C PRO B 2 7.97 -27.73 1.81
N THR B 3 7.53 -27.65 0.58
CA THR B 3 8.31 -26.97 -0.45
C THR B 3 8.27 -25.43 -0.25
N PRO B 4 9.16 -24.72 -0.92
CA PRO B 4 9.05 -23.25 -0.93
C PRO B 4 7.69 -22.75 -1.40
N VAL B 5 7.12 -23.38 -2.42
CA VAL B 5 5.80 -22.98 -2.89
C VAL B 5 4.76 -23.12 -1.79
N GLU B 6 4.80 -24.24 -1.06
CA GLU B 6 3.86 -24.49 0.03
C GLU B 6 4.08 -23.51 1.17
N GLU B 7 5.33 -23.20 1.51
CA GLU B 7 5.59 -22.26 2.58
C GLU B 7 5.14 -20.86 2.19
N ALA B 8 5.36 -20.48 0.93
CA ALA B 8 4.91 -19.19 0.47
C ALA B 8 3.39 -19.08 0.54
N GLN B 9 2.69 -20.16 0.18
CA GLN B 9 1.25 -20.12 0.28
C GLN B 9 0.81 -19.92 1.73
N GLN B 10 1.47 -20.61 2.66
CA GLN B 10 1.09 -20.50 4.06
C GLN B 10 1.33 -19.08 4.59
N LYS B 11 2.42 -18.44 4.16
CA LYS B 11 2.67 -17.06 4.53
C LYS B 11 1.60 -16.14 3.98
N THR B 12 1.18 -16.35 2.72
CA THR B 12 0.15 -15.51 2.11
C THR B 12 -1.17 -15.68 2.86
N ILE B 13 -1.50 -16.93 3.20
CA ILE B 13 -2.76 -17.21 3.92
C ILE B 13 -2.73 -16.53 5.28
N GLU B 14 -1.59 -16.57 5.95
CA GLU B 14 -1.46 -15.93 7.27
C GLU B 14 -1.62 -14.40 7.16
N ALA B 15 -1.04 -13.82 6.11
CA ALA B 15 -1.17 -12.38 5.87
C ALA B 15 -2.62 -11.99 5.63
N ILE B 16 -3.31 -12.76 4.77
CA ILE B 16 -4.67 -12.47 4.46
C ILE B 16 -5.53 -12.57 5.71
N THR B 17 -5.41 -13.68 6.45
CA THR B 17 -6.27 -13.87 7.61
C THR B 17 -6.02 -12.80 8.68
N LYS B 18 -4.75 -12.43 8.91
CA LYS B 18 -4.49 -11.36 9.86
C LYS B 18 -5.15 -10.07 9.41
N ALA B 19 -5.09 -9.75 8.13
CA ALA B 19 -5.67 -8.49 7.66
C ALA B 19 -7.17 -8.54 7.81
N ILE B 20 -7.80 -9.62 7.35
CA ILE B 20 -9.25 -9.75 7.41
C ILE B 20 -9.73 -9.67 8.85
N ASN B 21 -9.03 -10.37 9.76
CA ASN B 21 -9.48 -10.38 11.17
C ASN B 21 -9.44 -8.98 11.75
N TYR B 22 -8.38 -8.23 11.42
CA TYR B 22 -8.27 -6.87 11.92
C TYR B 22 -9.35 -5.97 11.33
N MET B 23 -9.55 -6.02 10.03
CA MET B 23 -10.61 -5.23 9.42
C MET B 23 -11.98 -5.57 9.98
N ALA B 24 -12.27 -6.86 10.17
CA ALA B 24 -13.56 -7.26 10.74
C ALA B 24 -13.79 -6.61 12.10
N LYS B 25 -12.77 -6.62 12.96
CA LYS B 25 -12.93 -6.05 14.30
C LYS B 25 -13.20 -4.56 14.25
N ARG B 26 -12.67 -3.88 13.26
CA ARG B 26 -12.80 -2.44 13.11
C ARG B 26 -13.92 -2.03 12.18
N ARG B 27 -14.66 -2.97 11.63
CA ARG B 27 -15.73 -2.64 10.69
C ARG B 27 -15.18 -1.87 9.50
N ILE B 28 -13.99 -2.26 9.02
CA ILE B 28 -13.41 -1.74 7.79
C ILE B 28 -13.89 -2.61 6.63
N GLY B 29 -14.69 -2.02 5.76
CA GLY B 29 -15.16 -2.75 4.59
C GLY B 29 -14.02 -3.16 3.70
N ALA B 30 -14.09 -4.35 3.16
CA ALA B 30 -13.00 -4.85 2.32
C ALA B 30 -13.55 -5.84 1.31
N LEU B 31 -12.85 -5.93 0.19
CA LEU B 31 -13.24 -6.77 -0.93
C LEU B 31 -11.96 -7.29 -1.56
N LEU B 32 -11.68 -8.58 -1.41
CA LEU B 32 -10.40 -9.16 -1.74
C LEU B 32 -10.62 -10.44 -2.54
N THR B 33 -10.24 -10.43 -3.79
CA THR B 33 -10.43 -11.57 -4.70
C THR B 33 -9.11 -12.23 -4.96
N ILE B 34 -9.07 -13.52 -4.79
CA ILE B 34 -7.89 -14.34 -5.02
C ILE B 34 -8.09 -15.06 -6.34
N GLU B 35 -7.30 -14.70 -7.35
CA GLU B 35 -7.37 -15.37 -8.64
C GLU B 35 -6.96 -16.81 -8.46
N ARG B 36 -7.65 -17.70 -9.19
CA ARG B 36 -7.28 -19.12 -9.21
C ARG B 36 -6.91 -19.49 -10.64
N ASP B 37 -7.55 -20.49 -11.23
CA ASP B 37 -7.11 -20.93 -12.55
C ASP B 37 -7.75 -20.11 -13.67
N THR B 38 -8.87 -19.46 -13.44
CA THR B 38 -9.39 -18.56 -14.46
C THR B 38 -8.72 -17.22 -14.33
N GLY B 39 -8.02 -16.83 -15.37
CA GLY B 39 -7.28 -15.58 -15.32
C GLY B 39 -8.22 -14.39 -15.22
N MET B 40 -7.80 -13.42 -14.43
CA MET B 40 -8.53 -12.22 -14.18
C MET B 40 -7.94 -10.92 -14.72
N GLY B 41 -7.10 -11.06 -15.70
CA GLY B 41 -6.43 -9.89 -16.23
C GLY B 41 -7.33 -8.73 -16.60
N ASP B 42 -8.49 -9.00 -17.18
CA ASP B 42 -9.40 -7.95 -17.62
C ASP B 42 -9.82 -7.10 -16.42
N TYR B 43 -10.02 -7.72 -15.29
CA TYR B 43 -10.42 -7.02 -14.07
C TYR B 43 -9.24 -6.36 -13.37
N ILE B 44 -8.10 -7.04 -13.33
CA ILE B 44 -6.89 -6.44 -12.77
C ILE B 44 -6.55 -5.15 -13.47
N GLU B 45 -6.69 -5.11 -14.78
CA GLU B 45 -6.35 -3.93 -15.56
C GLU B 45 -7.26 -2.74 -15.34
N THR B 46 -8.38 -2.90 -14.69
CA THR B 46 -9.23 -1.79 -14.34
C THR B 46 -8.78 -1.03 -13.10
N GLY B 47 -7.88 -1.59 -12.27
CA GLY B 47 -7.48 -0.99 -11.03
C GLY B 47 -6.18 -0.24 -11.14
N ILE B 48 -5.64 0.09 -9.98
CA ILE B 48 -4.34 0.72 -9.88
C ILE B 48 -3.31 -0.40 -9.75
N PRO B 49 -2.31 -0.50 -10.65
CA PRO B 49 -1.36 -1.58 -10.56
C PRO B 49 -0.47 -1.44 -9.35
N LEU B 50 -0.31 -2.52 -8.59
CA LEU B 50 0.64 -2.62 -7.49
C LEU B 50 1.72 -3.63 -7.75
N ASN B 51 1.36 -4.84 -8.12
CA ASN B 51 2.30 -5.96 -8.26
C ASN B 51 3.20 -6.06 -7.05
N ALA B 52 2.59 -6.00 -5.88
CA ALA B 52 3.28 -5.88 -4.62
C ALA B 52 3.36 -7.20 -3.87
N LYS B 53 4.42 -7.40 -3.11
CA LYS B 53 4.46 -8.51 -2.17
C LYS B 53 3.33 -8.36 -1.18
N VAL B 54 2.72 -9.49 -0.82
CA VAL B 54 1.64 -9.47 0.14
C VAL B 54 2.18 -9.18 1.53
N SER B 55 1.45 -8.40 2.30
CA SER B 55 1.64 -8.31 3.73
C SER B 55 0.29 -7.96 4.33
N SER B 56 0.11 -8.34 5.59
CA SER B 56 -1.12 -7.93 6.26
C SER B 56 -1.20 -6.43 6.33
N GLU B 57 -0.06 -5.77 6.57
CA GLU B 57 -0.02 -4.32 6.73
C GLU B 57 -0.51 -3.63 5.46
N LEU B 58 -0.01 -4.06 4.29
CA LEU B 58 -0.43 -3.43 3.07
C LEU B 58 -1.91 -3.68 2.80
N LEU B 59 -2.38 -4.93 3.01
CA LEU B 59 -3.81 -5.19 2.83
C LEU B 59 -4.68 -4.26 3.67
N ILE B 60 -4.34 -4.09 4.94
CA ILE B 60 -5.17 -3.26 5.82
C ILE B 60 -5.14 -1.83 5.32
N ASN B 61 -3.93 -1.31 5.01
CA ASN B 61 -3.77 0.08 4.60
C ASN B 61 -4.61 0.37 3.37
N ILE B 62 -4.66 -0.58 2.41
CA ILE B 62 -5.39 -0.37 1.19
C ILE B 62 -6.84 -0.03 1.48
N PHE B 63 -7.45 -0.68 2.45
CA PHE B 63 -8.88 -0.55 2.70
C PHE B 63 -9.26 0.50 3.76
N ILE B 64 -8.33 1.27 4.30
CA ILE B 64 -8.74 2.33 5.23
C ILE B 64 -9.73 3.28 4.53
N PRO B 65 -10.86 3.58 5.16
CA PRO B 65 -11.83 4.46 4.53
C PRO B 65 -11.26 5.81 4.12
N ASN B 66 -11.83 6.34 3.06
CA ASN B 66 -11.52 7.68 2.57
C ASN B 66 -10.09 7.81 2.09
N THR B 67 -9.55 6.73 1.55
CA THR B 67 -8.24 6.78 0.95
C THR B 67 -8.33 6.43 -0.53
N PRO B 68 -7.30 6.71 -1.31
CA PRO B 68 -7.40 6.47 -2.75
C PRO B 68 -7.68 5.02 -3.14
N LEU B 69 -7.19 4.05 -2.40
CA LEU B 69 -7.27 2.67 -2.86
C LEU B 69 -8.44 1.90 -2.27
N HIS B 70 -9.25 2.48 -1.40
CA HIS B 70 -10.17 1.68 -0.63
C HIS B 70 -11.41 1.26 -1.39
N ASP B 71 -11.80 1.93 -2.46
CA ASP B 71 -13.04 1.57 -3.14
C ASP B 71 -12.75 0.68 -4.33
N GLY B 72 -13.38 -0.43 -4.37
CA GLY B 72 -13.17 -1.44 -5.36
C GLY B 72 -12.39 -2.59 -4.76
N ALA B 73 -12.12 -3.56 -5.61
CA ALA B 73 -11.53 -4.82 -5.16
C ALA B 73 -10.02 -4.82 -5.23
N VAL B 74 -9.40 -5.46 -4.30
CA VAL B 74 -8.02 -5.92 -4.43
C VAL B 74 -8.09 -7.26 -5.13
N ILE B 75 -7.24 -7.48 -6.09
CA ILE B 75 -7.08 -8.76 -6.76
C ILE B 75 -5.67 -9.26 -6.51
N MET B 76 -5.55 -10.46 -5.94
CA MET B 76 -4.31 -11.13 -5.65
C MET B 76 -4.06 -12.20 -6.68
N LYS B 77 -2.82 -12.32 -7.07
CA LYS B 77 -2.34 -13.38 -7.94
C LYS B 77 -1.24 -14.04 -7.17
N ASN B 78 -1.48 -15.31 -6.81
CA ASN B 78 -0.58 -16.13 -6.02
C ASN B 78 -0.13 -15.35 -4.80
N ASN B 79 1.13 -14.97 -4.76
CA ASN B 79 1.68 -14.31 -3.59
C ASN B 79 1.88 -12.81 -3.78
N GLU B 80 1.15 -12.22 -4.68
CA GLU B 80 1.21 -10.80 -4.92
C GLU B 80 -0.16 -10.14 -4.87
N ILE B 81 -0.16 -8.87 -4.48
CA ILE B 81 -1.31 -8.01 -4.68
C ILE B 81 -1.14 -7.40 -6.06
N ALA B 82 -1.94 -7.84 -7.02
CA ALA B 82 -1.75 -7.39 -8.37
C ALA B 82 -2.21 -5.96 -8.55
N ALA B 83 -3.39 -5.63 -8.06
CA ALA B 83 -3.97 -4.32 -8.22
C ALA B 83 -5.01 -4.09 -7.17
N ALA B 84 -5.31 -2.82 -6.94
CA ALA B 84 -6.32 -2.38 -5.98
C ALA B 84 -7.30 -1.49 -6.71
N ALA B 85 -8.45 -1.27 -6.06
CA ALA B 85 -9.49 -0.40 -6.61
C ALA B 85 -9.98 -0.91 -7.96
N CYS B 86 -10.10 -2.23 -8.09
CA CYS B 86 -10.54 -2.85 -9.31
C CYS B 86 -12.05 -2.97 -9.41
N TYR B 87 -12.55 -2.90 -10.64
CA TYR B 87 -13.94 -3.21 -10.95
C TYR B 87 -14.17 -4.70 -10.97
N LEU B 88 -15.31 -5.11 -10.43
CA LEU B 88 -15.86 -6.46 -10.57
C LEU B 88 -17.31 -6.32 -10.99
N PRO B 89 -17.83 -7.28 -11.73
CA PRO B 89 -19.23 -7.20 -12.16
C PRO B 89 -20.18 -7.51 -11.03
N LEU B 90 -21.34 -6.82 -11.04
CA LEU B 90 -22.33 -7.03 -9.99
C LEU B 90 -23.23 -8.20 -10.31
N SER B 91 -23.38 -9.11 -9.33
CA SER B 91 -24.33 -10.20 -9.50
C SER B 91 -25.75 -9.69 -9.30
N GLU B 92 -26.65 -10.34 -10.01
CA GLU B 92 -28.09 -10.17 -9.89
C GLU B 92 -28.73 -11.36 -9.21
N SER B 93 -27.94 -12.15 -8.53
CA SER B 93 -28.48 -13.34 -7.86
C SER B 93 -29.50 -12.96 -6.80
N PRO B 94 -30.62 -13.67 -6.72
CA PRO B 94 -31.61 -13.37 -5.68
C PRO B 94 -31.22 -13.93 -4.33
N PHE B 95 -30.13 -14.68 -4.25
CA PHE B 95 -29.67 -15.29 -3.02
C PHE B 95 -28.67 -14.44 -2.27
N ILE B 96 -28.56 -13.19 -2.61
CA ILE B 96 -27.76 -12.23 -1.90
C ILE B 96 -28.69 -11.49 -0.96
N SER B 97 -28.43 -11.57 0.34
CA SER B 97 -29.28 -10.96 1.33
C SER B 97 -29.55 -9.50 0.93
N LYS B 98 -30.80 -9.09 1.07
CA LYS B 98 -31.21 -7.81 0.48
C LYS B 98 -30.52 -6.64 1.15
N GLU B 99 -30.10 -6.76 2.41
CA GLU B 99 -29.47 -5.65 3.09
C GLU B 99 -28.02 -5.40 2.66
N LEU B 100 -27.42 -6.33 1.94
CA LEU B 100 -26.02 -6.20 1.55
C LEU B 100 -25.85 -5.25 0.39
N GLY B 101 -24.72 -4.59 0.39
CA GLY B 101 -24.39 -3.59 -0.61
C GLY B 101 -23.49 -4.09 -1.72
N THR B 102 -22.80 -3.13 -2.31
CA THR B 102 -22.18 -3.39 -3.58
C THR B 102 -20.97 -4.32 -3.45
N ARG B 103 -20.22 -4.27 -2.33
CA ARG B 103 -19.04 -5.13 -2.24
C ARG B 103 -19.48 -6.59 -2.34
N HIS B 104 -20.56 -6.98 -1.62
CA HIS B 104 -21.02 -8.36 -1.68
C HIS B 104 -21.53 -8.72 -3.06
N ARG B 105 -22.23 -7.83 -3.73
CA ARG B 105 -22.77 -8.11 -5.05
C ARG B 105 -21.64 -8.22 -6.07
N ALA B 106 -20.60 -7.40 -5.94
CA ALA B 106 -19.41 -7.51 -6.79
C ALA B 106 -18.70 -8.83 -6.57
N ALA B 107 -18.56 -9.25 -5.31
CA ALA B 107 -17.90 -10.50 -5.02
C ALA B 107 -18.65 -11.67 -5.63
N VAL B 108 -19.96 -11.73 -5.41
CA VAL B 108 -20.69 -12.83 -6.03
C VAL B 108 -20.60 -12.73 -7.54
N GLY B 109 -20.62 -11.51 -8.10
CA GLY B 109 -20.52 -11.34 -9.53
C GLY B 109 -19.26 -11.94 -10.13
N ILE B 110 -18.12 -11.63 -9.55
CA ILE B 110 -16.91 -12.20 -10.10
C ILE B 110 -16.91 -13.71 -9.90
N SER B 111 -17.50 -14.19 -8.82
CA SER B 111 -17.52 -15.64 -8.56
C SER B 111 -18.37 -16.41 -9.54
N GLU B 112 -19.25 -15.74 -10.28
CA GLU B 112 -20.09 -16.38 -11.28
C GLU B 112 -19.38 -16.60 -12.60
N VAL B 113 -18.25 -15.93 -12.83
CA VAL B 113 -17.57 -16.00 -14.12
C VAL B 113 -16.10 -16.36 -13.98
N THR B 114 -15.71 -16.75 -12.79
CA THR B 114 -14.37 -17.23 -12.51
C THR B 114 -14.45 -18.28 -11.42
N ASP B 115 -13.36 -19.01 -11.24
CA ASP B 115 -13.15 -19.90 -10.11
C ASP B 115 -12.46 -19.21 -8.93
N SER B 116 -12.48 -17.89 -8.88
CA SER B 116 -11.77 -17.17 -7.84
C SER B 116 -12.51 -17.33 -6.50
N LEU B 117 -11.78 -16.99 -5.43
CA LEU B 117 -12.35 -16.94 -4.10
C LEU B 117 -12.30 -15.49 -3.66
N THR B 118 -13.43 -14.93 -3.25
CA THR B 118 -13.47 -13.54 -2.80
C THR B 118 -13.91 -13.47 -1.37
N ILE B 119 -13.18 -12.68 -0.59
CA ILE B 119 -13.47 -12.42 0.82
C ILE B 119 -14.04 -11.02 0.93
N ILE B 120 -15.10 -10.86 1.74
CA ILE B 120 -15.75 -9.58 1.94
C ILE B 120 -15.85 -9.32 3.43
N VAL B 121 -15.51 -8.10 3.86
CA VAL B 121 -15.77 -7.65 5.22
C VAL B 121 -16.85 -6.58 5.15
N SER B 122 -17.91 -6.76 5.91
CA SER B 122 -18.97 -5.79 5.96
C SER B 122 -18.62 -4.58 6.83
N GLU B 123 -18.77 -3.38 6.25
CA GLU B 123 -18.56 -2.17 7.05
C GLU B 123 -19.71 -1.93 8.01
N GLU B 124 -20.84 -2.59 7.83
CA GLU B 124 -21.97 -2.44 8.74
C GLU B 124 -21.81 -3.27 9.98
N THR B 125 -21.46 -4.53 9.82
CA THR B 125 -21.48 -5.48 10.91
C THR B 125 -20.13 -6.01 11.27
N GLY B 126 -19.12 -5.86 10.41
CA GLY B 126 -17.86 -6.54 10.63
C GLY B 126 -17.89 -8.02 10.23
N GLY B 127 -19.04 -8.54 9.76
CA GLY B 127 -19.10 -9.95 9.35
C GLY B 127 -18.24 -10.20 8.14
N VAL B 128 -17.72 -11.42 8.10
CA VAL B 128 -16.84 -11.89 7.05
C VAL B 128 -17.58 -12.92 6.21
N SER B 129 -17.51 -12.77 4.91
CA SER B 129 -18.15 -13.68 3.99
C SER B 129 -17.20 -14.02 2.87
N VAL B 130 -17.54 -15.13 2.19
CA VAL B 130 -16.81 -15.58 1.02
C VAL B 130 -17.76 -15.85 -0.11
N ALA B 131 -17.36 -15.48 -1.33
CA ALA B 131 -18.04 -15.80 -2.52
C ALA B 131 -17.21 -16.72 -3.38
N LYS B 132 -17.83 -17.79 -3.83
CA LYS B 132 -17.20 -18.78 -4.67
C LYS B 132 -18.29 -19.48 -5.47
N ASN B 133 -18.06 -19.60 -6.76
CA ASN B 133 -18.94 -20.34 -7.64
C ASN B 133 -20.38 -19.88 -7.56
N GLY B 134 -20.62 -18.59 -7.39
CA GLY B 134 -21.92 -18.02 -7.40
C GLY B 134 -22.66 -18.01 -6.07
N ASP B 135 -22.07 -18.55 -5.03
CA ASP B 135 -22.67 -18.64 -3.70
C ASP B 135 -21.92 -17.75 -2.73
N LEU B 136 -22.69 -17.13 -1.85
CA LEU B 136 -22.17 -16.31 -0.76
C LEU B 136 -22.36 -17.05 0.55
N HIS B 137 -21.31 -17.22 1.30
CA HIS B 137 -21.31 -17.84 2.61
C HIS B 137 -20.94 -16.79 3.64
N ARG B 138 -21.86 -16.50 4.55
CA ARG B 138 -21.75 -15.35 5.44
C ARG B 138 -21.31 -15.76 6.82
N GLU B 139 -20.98 -14.72 7.63
CA GLU B 139 -20.78 -14.84 9.07
C GLU B 139 -19.74 -15.90 9.43
N LEU B 140 -18.64 -15.87 8.74
CA LEU B 140 -17.62 -16.88 8.91
C LEU B 140 -16.79 -16.60 10.15
N THR B 141 -16.49 -17.64 10.91
CA THR B 141 -15.55 -17.52 12.00
C THR B 141 -14.14 -17.40 11.39
N GLU B 142 -13.19 -16.97 12.22
CA GLU B 142 -11.81 -16.89 11.76
C GLU B 142 -11.33 -18.27 11.33
N GLU B 143 -11.67 -19.29 12.11
CA GLU B 143 -11.22 -20.63 11.80
C GLU B 143 -11.77 -21.09 10.46
N ALA B 144 -13.04 -20.81 10.20
CA ALA B 144 -13.64 -21.24 8.94
C ALA B 144 -12.98 -20.56 7.77
N LEU B 145 -12.73 -19.26 7.87
CA LEU B 145 -12.06 -18.58 6.78
C LEU B 145 -10.71 -19.22 6.49
N LYS B 146 -9.92 -19.47 7.54
CA LYS B 146 -8.59 -20.00 7.34
C LYS B 146 -8.66 -21.37 6.69
N GLU B 147 -9.59 -22.22 7.14
CA GLU B 147 -9.77 -23.52 6.53
C GLU B 147 -10.18 -23.41 5.07
N MET B 148 -11.07 -22.45 4.76
CA MET B 148 -11.47 -22.29 3.36
C MET B 148 -10.27 -21.92 2.49
N LEU B 149 -9.44 -21.03 2.98
CA LEU B 149 -8.26 -20.63 2.23
C LEU B 149 -7.30 -21.79 2.09
N GLU B 150 -7.05 -22.54 3.15
CA GLU B 150 -6.14 -23.67 3.07
C GLU B 150 -6.64 -24.68 2.04
N ALA B 151 -7.96 -24.91 2.02
CA ALA B 151 -8.52 -25.89 1.08
C ALA B 151 -8.45 -25.37 -0.33
N GLU B 152 -8.57 -24.05 -0.50
CA GLU B 152 -8.48 -23.44 -1.82
C GLU B 152 -7.08 -23.64 -2.38
C01 UHL C . -0.19 -3.15 14.16
C03 UHL C . -2.53 -3.50 14.03
C04 UHL C . -2.68 -4.23 12.71
C05 UHL C . -2.48 -3.30 11.52
C08 UHL C . -2.72 -1.65 10.11
N06 UHL C . -1.61 -3.46 10.55
N07 UHL C . -1.76 -2.42 9.67
N09 UHL C . -3.23 -0.42 9.53
O02 UHL C . -1.44 -2.64 13.85
O10 UHL C . -3.17 -2.17 11.25
MG MG D . -24.17 -19.30 9.03
#